data_5D60
#
_entry.id   5D60
#
_cell.length_a   50.730
_cell.length_b   40.202
_cell.length_c   52.777
_cell.angle_alpha   90.000
_cell.angle_beta   118.570
_cell.angle_gamma   90.000
#
_symmetry.space_group_name_H-M   'P 1 21 1'
#
loop_
_entity.id
_entity.type
_entity.pdbx_description
1 polymer 'Putative transcription factor'
2 water water
#
_entity_poly.entity_id   1
_entity_poly.type   'polypeptide(L)'
_entity_poly.pdbx_seq_one_letter_code
;SQQQIAALSESLQATQQQLQALQQQCYELEKTNRLLVSEVMTLQKMVKAQNQASNEIINHL
;
_entity_poly.pdbx_strand_id   A,B,C,D
#
# COMPACT_ATOMS: atom_id res chain seq x y z
N SER A 1 -27.33 -18.51 27.80
CA SER A 1 -27.54 -17.20 28.48
C SER A 1 -27.90 -16.04 27.53
N GLN A 2 -29.05 -15.41 27.73
CA GLN A 2 -29.42 -14.21 26.98
C GLN A 2 -28.34 -13.14 27.05
N GLN A 3 -27.75 -12.97 28.23
CA GLN A 3 -26.70 -11.99 28.42
C GLN A 3 -25.42 -12.25 27.63
N GLN A 4 -24.99 -13.50 27.63
CA GLN A 4 -23.83 -13.91 26.85
C GLN A 4 -24.03 -13.61 25.36
N ILE A 5 -25.24 -13.82 24.89
CA ILE A 5 -25.57 -13.63 23.50
C ILE A 5 -25.76 -12.15 23.15
N ALA A 6 -26.22 -11.36 24.09
CA ALA A 6 -26.22 -9.90 23.89
C ALA A 6 -24.78 -9.37 23.73
N ALA A 7 -23.84 -9.88 24.52
CA ALA A 7 -22.41 -9.50 24.41
C ALA A 7 -21.77 -10.00 23.08
N LEU A 8 -22.18 -11.17 22.60
CA LEU A 8 -21.81 -11.60 21.24
C LEU A 8 -22.27 -10.60 20.19
N SER A 9 -23.48 -10.08 20.36
CA SER A 9 -24.05 -9.12 19.42
C SER A 9 -23.35 -7.79 19.50
N GLU A 10 -23.05 -7.34 20.72
CA GLU A 10 -22.22 -6.15 20.92
C GLU A 10 -20.91 -6.32 20.18
N SER A 11 -20.35 -7.52 20.26
CA SER A 11 -19.06 -7.75 19.68
C SER A 11 -19.07 -7.88 18.15
N LEU A 12 -20.08 -8.53 17.59
CA LEU A 12 -20.21 -8.67 16.14
C LEU A 12 -20.44 -7.31 15.46
N GLN A 13 -21.13 -6.39 16.17
CA GLN A 13 -21.35 -5.02 15.65
C GLN A 13 -20.05 -4.27 15.57
N ALA A 14 -19.19 -4.42 16.59
CA ALA A 14 -17.92 -3.75 16.60
C ALA A 14 -17.00 -4.29 15.50
N THR A 15 -17.03 -5.61 15.27
CA THR A 15 -16.31 -6.23 14.18
C THR A 15 -16.72 -5.66 12.83
N GLN A 16 -18.02 -5.61 12.58
CA GLN A 16 -18.55 -4.97 11.37
C GLN A 16 -18.07 -3.53 11.25
N GLN A 17 -17.97 -2.82 12.37
CA GLN A 17 -17.44 -1.46 12.40
C GLN A 17 -15.94 -1.38 12.06
N GLN A 18 -15.17 -2.30 12.62
CA GLN A 18 -13.77 -2.47 12.30
C GLN A 18 -13.54 -2.74 10.84
N LEU A 19 -14.40 -3.59 10.26
CA LEU A 19 -14.30 -3.93 8.85
C LEU A 19 -14.59 -2.72 7.94
N GLN A 20 -15.56 -1.92 8.33
CA GLN A 20 -15.82 -0.65 7.67
C GLN A 20 -14.64 0.32 7.75
N ALA A 21 -14.00 0.39 8.91
CA ALA A 21 -12.86 1.25 9.11
C ALA A 21 -11.72 0.80 8.20
N LEU A 22 -11.57 -0.52 8.10
CA LEU A 22 -10.46 -1.07 7.32
C LEU A 22 -10.71 -0.82 5.84
N GLN A 23 -11.94 -0.99 5.40
CA GLN A 23 -12.31 -0.65 4.00
C GLN A 23 -12.01 0.81 3.69
N GLN A 24 -12.32 1.72 4.59
CA GLN A 24 -11.96 3.10 4.40
C GLN A 24 -10.47 3.34 4.30
N GLN A 25 -9.69 2.72 5.19
CA GLN A 25 -8.27 2.83 5.13
C GLN A 25 -7.74 2.35 3.81
N CYS A 26 -8.22 1.18 3.38
CA CYS A 26 -7.69 0.58 2.15
C CYS A 26 -8.07 1.44 0.93
N TYR A 27 -9.24 2.07 0.95
CA TYR A 27 -9.58 3.02 -0.12
C TYR A 27 -8.56 4.09 -0.17
N GLU A 28 -8.24 4.69 0.96
CA GLU A 28 -7.31 5.82 0.97
C GLU A 28 -5.92 5.40 0.55
N LEU A 29 -5.55 4.17 0.89
CA LEU A 29 -4.22 3.66 0.45
C LEU A 29 -4.19 3.51 -1.06
N GLU A 30 -5.25 2.96 -1.66
CA GLU A 30 -5.34 2.84 -3.06
C GLU A 30 -5.31 4.18 -3.82
N LYS A 31 -6.06 5.20 -3.35
CA LYS A 31 -5.94 6.52 -3.84
C LYS A 31 -4.56 7.04 -3.89
N THR A 32 -3.80 6.90 -2.79
CA THR A 32 -2.45 7.29 -2.75
C THR A 32 -1.55 6.51 -3.71
N ASN A 33 -1.76 5.21 -3.80
CA ASN A 33 -1.01 4.43 -4.82
C ASN A 33 -1.25 4.96 -6.26
N ARG A 34 -2.47 5.37 -6.57
CA ARG A 34 -2.82 5.87 -7.88
C ARG A 34 -2.10 7.17 -8.16
N LEU A 35 -2.01 7.98 -7.14
CA LEU A 35 -1.29 9.18 -7.24
C LEU A 35 0.20 8.91 -7.47
N LEU A 36 0.75 7.97 -6.74
CA LEU A 36 2.16 7.68 -6.88
C LEU A 36 2.49 7.17 -8.30
N VAL A 37 1.62 6.34 -8.85
CA VAL A 37 1.79 5.75 -10.20
C VAL A 37 1.81 6.89 -11.24
N SER A 38 0.90 7.86 -11.10
CA SER A 38 0.94 9.01 -11.88
C SER A 38 2.15 9.80 -11.79
N GLU A 39 2.61 10.05 -10.56
CA GLU A 39 3.77 10.88 -10.41
C GLU A 39 5.05 10.14 -11.00
N VAL A 40 5.15 8.85 -10.75
CA VAL A 40 6.28 8.11 -11.31
C VAL A 40 6.23 8.13 -12.82
N MET A 41 5.06 8.04 -13.46
CA MET A 41 4.99 8.13 -14.88
C MET A 41 5.37 9.52 -15.40
N THR A 42 4.98 10.59 -14.72
CA THR A 42 5.49 11.89 -15.03
C THR A 42 7.01 11.98 -14.92
N LEU A 43 7.61 11.33 -13.89
CA LEU A 43 9.07 11.26 -13.75
C LEU A 43 9.76 10.55 -14.93
N GLN A 44 9.10 9.53 -15.41
CA GLN A 44 9.58 8.85 -16.60
C GLN A 44 9.65 9.78 -17.84
N LYS A 45 8.56 10.48 -18.07
CA LYS A 45 8.48 11.45 -19.15
C LYS A 45 9.61 12.50 -19.04
N MET A 46 9.86 12.98 -17.82
CA MET A 46 10.90 13.97 -17.62
C MET A 46 12.28 13.40 -17.89
N VAL A 47 12.50 12.17 -17.45
CA VAL A 47 13.84 11.53 -17.61
C VAL A 47 14.09 11.22 -19.08
N LYS A 48 13.10 10.74 -19.79
CA LYS A 48 13.15 10.69 -21.27
C LYS A 48 13.51 11.96 -22.00
N ALA A 49 12.83 13.03 -21.64
CA ALA A 49 13.21 14.36 -22.10
C ALA A 49 14.69 14.71 -21.80
N GLN A 50 15.17 14.34 -20.61
CA GLN A 50 16.55 14.53 -20.24
C GLN A 50 17.46 13.75 -21.17
N ASN A 51 17.09 12.53 -21.49
CA ASN A 51 17.86 11.75 -22.43
C ASN A 51 18.00 12.48 -23.77
N GLN A 52 16.93 13.09 -24.25
CA GLN A 52 16.96 13.89 -25.49
C GLN A 52 17.83 15.15 -25.38
N ALA A 53 17.76 15.83 -24.24
CA ALA A 53 18.65 16.93 -23.99
C ALA A 53 20.12 16.45 -23.95
N SER A 54 20.35 15.29 -23.33
CA SER A 54 21.69 14.68 -23.30
C SER A 54 22.16 14.49 -24.73
N ASN A 55 21.27 14.02 -25.57
CA ASN A 55 21.58 13.88 -26.99
C ASN A 55 21.66 15.23 -27.70
N SER B 1 -23.42 -26.36 27.19
CA SER B 1 -23.58 -25.61 25.88
C SER B 1 -23.67 -24.06 26.04
N GLN B 2 -23.86 -23.63 27.28
CA GLN B 2 -23.14 -22.44 27.73
C GLN B 2 -21.71 -22.63 27.24
N GLN B 3 -21.23 -23.88 27.20
CA GLN B 3 -19.89 -24.22 26.71
C GLN B 3 -19.64 -23.88 25.22
N GLN B 4 -20.58 -24.28 24.36
CA GLN B 4 -20.48 -23.96 22.93
C GLN B 4 -20.41 -22.45 22.73
N ILE B 5 -21.19 -21.73 23.52
CA ILE B 5 -21.30 -20.30 23.37
C ILE B 5 -20.10 -19.57 23.99
N ALA B 6 -19.51 -20.13 25.04
CA ALA B 6 -18.24 -19.61 25.54
C ALA B 6 -17.13 -19.73 24.47
N ALA B 7 -17.10 -20.85 23.75
CA ALA B 7 -16.08 -21.05 22.70
C ALA B 7 -16.31 -20.13 21.51
N LEU B 8 -17.57 -19.88 21.19
CA LEU B 8 -17.88 -18.89 20.19
C LEU B 8 -17.39 -17.49 20.57
N SER B 9 -17.50 -17.16 21.86
CA SER B 9 -17.00 -15.88 22.36
C SER B 9 -15.48 -15.81 22.37
N GLU B 10 -14.82 -16.90 22.77
CA GLU B 10 -13.38 -17.01 22.66
C GLU B 10 -13.01 -16.71 21.22
N SER B 11 -13.78 -17.27 20.30
CA SER B 11 -13.43 -17.26 18.87
C SER B 11 -13.68 -15.90 18.24
N LEU B 12 -14.76 -15.24 18.61
CA LEU B 12 -15.03 -13.90 18.07
C LEU B 12 -14.05 -12.83 18.62
N GLN B 13 -13.53 -13.05 19.82
CA GLN B 13 -12.48 -12.21 20.41
C GLN B 13 -11.20 -12.28 19.62
N ALA B 14 -10.82 -13.50 19.25
CA ALA B 14 -9.62 -13.70 18.44
C ALA B 14 -9.76 -13.07 17.07
N THR B 15 -10.94 -13.19 16.45
CA THR B 15 -11.23 -12.50 15.19
C THR B 15 -11.07 -11.00 15.30
N GLN B 16 -11.69 -10.41 16.32
CA GLN B 16 -11.54 -9.01 16.58
C GLN B 16 -10.06 -8.65 16.75
N GLN B 17 -9.28 -9.53 17.35
CA GLN B 17 -7.86 -9.28 17.54
C GLN B 17 -7.08 -9.36 16.22
N GLN B 18 -7.48 -10.30 15.35
CA GLN B 18 -6.96 -10.41 13.99
C GLN B 18 -7.22 -9.12 13.20
N LEU B 19 -8.40 -8.57 13.39
CA LEU B 19 -8.75 -7.36 12.73
C LEU B 19 -7.91 -6.18 13.23
N GLN B 20 -7.61 -6.17 14.53
CA GLN B 20 -6.72 -5.15 15.10
C GLN B 20 -5.33 -5.26 14.54
N ALA B 21 -4.86 -6.48 14.32
CA ALA B 21 -3.56 -6.71 13.75
C ALA B 21 -3.51 -6.21 12.30
N LEU B 22 -4.56 -6.46 11.56
CA LEU B 22 -4.69 -5.95 10.22
C LEU B 22 -4.76 -4.41 10.16
N GLN B 23 -5.47 -3.80 11.09
CA GLN B 23 -5.48 -2.30 11.18
C GLN B 23 -4.08 -1.74 11.44
N GLN B 24 -3.31 -2.43 12.28
CA GLN B 24 -1.88 -2.15 12.54
C GLN B 24 -1.02 -2.19 11.27
N GLN B 25 -1.24 -3.21 10.43
CA GLN B 25 -0.65 -3.33 9.17
C GLN B 25 -1.01 -2.19 8.24
N CYS B 26 -2.27 -1.84 8.20
CA CYS B 26 -2.70 -0.72 7.38
C CYS B 26 -2.07 0.62 7.84
N TYR B 27 -1.86 0.78 9.14
CA TYR B 27 -1.19 1.99 9.64
C TYR B 27 0.21 2.04 9.14
N GLU B 28 0.89 0.89 9.12
CA GLU B 28 2.23 0.83 8.64
C GLU B 28 2.31 1.14 7.12
N LEU B 29 1.32 0.72 6.34
CA LEU B 29 1.24 1.09 4.94
C LEU B 29 1.01 2.57 4.75
N GLU B 30 0.19 3.17 5.60
CA GLU B 30 -0.03 4.60 5.54
C GLU B 30 1.22 5.37 5.75
N LYS B 31 1.99 4.96 6.76
CA LYS B 31 3.25 5.59 7.07
C LYS B 31 4.19 5.55 5.92
N THR B 32 4.42 4.38 5.34
CA THR B 32 5.32 4.33 4.23
C THR B 32 4.78 5.01 2.95
N ASN B 33 3.48 4.94 2.66
CA ASN B 33 2.93 5.73 1.59
C ASN B 33 3.25 7.20 1.81
N ARG B 34 3.10 7.67 3.02
CA ARG B 34 3.36 9.11 3.26
C ARG B 34 4.80 9.42 2.92
N LEU B 35 5.70 8.51 3.28
CA LEU B 35 7.08 8.69 2.99
C LEU B 35 7.28 8.72 1.50
N LEU B 36 6.65 7.79 0.78
CA LEU B 36 6.77 7.75 -0.63
C LEU B 36 6.24 9.01 -1.30
N VAL B 37 5.11 9.53 -0.84
CA VAL B 37 4.58 10.72 -1.48
C VAL B 37 5.65 11.82 -1.40
N SER B 38 6.17 12.03 -0.20
CA SER B 38 7.17 13.04 0.06
C SER B 38 8.40 12.85 -0.76
N GLU B 39 8.92 11.64 -0.74
CA GLU B 39 10.12 11.41 -1.41
C GLU B 39 10.00 11.47 -2.92
N VAL B 40 8.90 10.97 -3.48
CA VAL B 40 8.70 11.09 -4.88
C VAL B 40 8.60 12.57 -5.26
N MET B 41 7.97 13.36 -4.44
CA MET B 41 7.86 14.80 -4.82
C MET B 41 9.24 15.47 -4.81
N THR B 42 10.10 15.09 -3.88
CA THR B 42 11.46 15.57 -3.83
C THR B 42 12.26 15.11 -5.04
N LEU B 43 12.02 13.88 -5.47
CA LEU B 43 12.70 13.42 -6.64
C LEU B 43 12.27 14.24 -7.90
N GLN B 44 11.01 14.63 -7.96
CA GLN B 44 10.53 15.42 -9.05
C GLN B 44 11.21 16.78 -9.15
N LYS B 45 11.34 17.42 -7.99
CA LYS B 45 12.21 18.61 -7.87
C LYS B 45 13.61 18.47 -8.38
N MET B 46 14.27 17.40 -7.98
CA MET B 46 15.60 17.17 -8.42
C MET B 46 15.71 16.94 -9.90
N VAL B 47 14.77 16.18 -10.46
CA VAL B 47 14.81 15.85 -11.88
C VAL B 47 14.50 17.10 -12.74
N LYS B 48 13.52 17.90 -12.32
CA LYS B 48 13.40 19.27 -12.84
C LYS B 48 14.69 20.09 -12.85
N ALA B 49 15.36 20.17 -11.69
CA ALA B 49 16.60 20.88 -11.59
C ALA B 49 17.60 20.36 -12.62
N GLN B 50 17.59 19.06 -12.85
CA GLN B 50 18.42 18.48 -13.89
C GLN B 50 18.05 18.98 -15.26
N ASN B 51 16.78 19.02 -15.54
CA ASN B 51 16.32 19.53 -16.80
C ASN B 51 16.81 20.98 -17.02
N GLN B 52 16.77 21.82 -15.99
CA GLN B 52 17.31 23.19 -16.08
C GLN B 52 18.79 23.23 -16.30
N ALA B 53 19.52 22.36 -15.63
CA ALA B 53 20.93 22.27 -15.83
C ALA B 53 21.23 21.85 -17.26
N SER B 54 20.45 20.91 -17.78
CA SER B 54 20.59 20.45 -19.16
C SER B 54 20.44 21.60 -20.11
N ASN B 55 19.34 22.32 -19.96
CA ASN B 55 19.04 23.43 -20.86
C ASN B 55 20.15 24.47 -20.87
N GLU B 56 20.67 24.79 -19.69
CA GLU B 56 21.74 25.76 -19.59
C GLU B 56 22.93 25.30 -20.37
N ILE B 57 23.26 24.02 -20.29
CA ILE B 57 24.31 23.47 -21.12
C ILE B 57 24.01 23.73 -22.58
N ILE B 58 22.82 23.32 -23.01
CA ILE B 58 22.39 23.55 -24.40
C ILE B 58 22.59 25.01 -24.80
N ASN B 59 22.22 25.95 -23.95
CA ASN B 59 22.34 27.37 -24.33
C ASN B 59 23.79 27.86 -24.45
N HIS B 60 24.70 27.22 -23.71
CA HIS B 60 26.11 27.57 -23.73
C HIS B 60 26.86 26.77 -24.82
N LEU B 61 26.17 25.83 -25.46
CA LEU B 61 26.51 25.32 -26.79
C LEU B 61 25.82 26.10 -27.94
N SER C 1 -30.28 -24.78 18.41
CA SER C 1 -29.69 -25.83 19.26
C SER C 1 -28.23 -26.02 18.87
N GLN C 2 -27.67 -27.18 19.21
CA GLN C 2 -26.24 -27.43 19.10
C GLN C 2 -25.75 -27.31 17.66
N GLN C 3 -26.53 -27.80 16.70
CA GLN C 3 -26.20 -27.70 15.26
C GLN C 3 -26.11 -26.27 14.73
N GLN C 4 -27.09 -25.45 15.09
CA GLN C 4 -27.07 -24.04 14.68
C GLN C 4 -25.82 -23.33 15.22
N ILE C 5 -25.45 -23.67 16.45
CA ILE C 5 -24.32 -23.03 17.13
C ILE C 5 -22.95 -23.59 16.65
N ALA C 6 -22.90 -24.86 16.26
CA ALA C 6 -21.74 -25.37 15.57
C ALA C 6 -21.51 -24.64 14.24
N ALA C 7 -22.59 -24.34 13.49
CA ALA C 7 -22.45 -23.63 12.22
C ALA C 7 -22.03 -22.18 12.43
N LEU C 8 -22.53 -21.55 13.50
CA LEU C 8 -22.08 -20.21 13.87
C LEU C 8 -20.56 -20.23 14.06
N SER C 9 -20.05 -21.30 14.65
CA SER C 9 -18.62 -21.51 14.84
C SER C 9 -17.81 -21.87 13.57
N GLU C 10 -18.27 -22.84 12.77
CA GLU C 10 -17.54 -23.33 11.54
C GLU C 10 -17.47 -22.23 10.42
N SER C 11 -18.45 -21.34 10.45
CA SER C 11 -18.38 -20.13 9.66
C SER C 11 -17.34 -19.18 10.21
N LEU C 12 -17.22 -19.12 11.53
CA LEU C 12 -16.24 -18.21 12.14
C LEU C 12 -14.81 -18.67 11.84
N GLN C 13 -14.61 -19.98 11.66
CA GLN C 13 -13.30 -20.52 11.28
C GLN C 13 -12.90 -20.01 9.91
N ALA C 14 -13.85 -20.03 8.99
CA ALA C 14 -13.62 -19.59 7.65
C ALA C 14 -13.34 -18.08 7.56
N THR C 15 -14.05 -17.29 8.37
CA THR C 15 -13.76 -15.87 8.54
C THR C 15 -12.33 -15.60 9.07
N GLN C 16 -11.95 -16.32 10.11
CA GLN C 16 -10.60 -16.23 10.67
C GLN C 16 -9.56 -16.58 9.64
N GLN C 17 -9.86 -17.58 8.78
CA GLN C 17 -8.95 -17.93 7.74
C GLN C 17 -8.79 -16.82 6.72
N GLN C 18 -9.90 -16.23 6.35
CA GLN C 18 -9.88 -15.15 5.40
C GLN C 18 -9.10 -13.96 5.91
N LEU C 19 -9.27 -13.68 7.19
CA LEU C 19 -8.50 -12.61 7.82
C LEU C 19 -6.97 -12.88 7.80
N GLN C 20 -6.59 -14.13 8.02
CA GLN C 20 -5.20 -14.54 7.97
C GLN C 20 -4.65 -14.33 6.57
N ALA C 21 -5.47 -14.63 5.58
CA ALA C 21 -5.11 -14.46 4.19
C ALA C 21 -4.90 -12.97 3.88
N LEU C 22 -5.77 -12.14 4.42
CA LEU C 22 -5.64 -10.70 4.24
C LEU C 22 -4.41 -10.11 4.92
N GLN C 23 -4.11 -10.57 6.11
CA GLN C 23 -2.88 -10.18 6.80
C GLN C 23 -1.65 -10.56 5.99
N GLN C 24 -1.64 -11.74 5.35
CA GLN C 24 -0.51 -12.09 4.50
C GLN C 24 -0.37 -11.18 3.32
N GLN C 25 -1.49 -10.85 2.69
CA GLN C 25 -1.48 -9.94 1.58
C GLN C 25 -0.93 -8.60 1.99
N CYS C 26 -1.41 -8.13 3.12
CA CYS C 26 -0.99 -6.81 3.59
C CYS C 26 0.51 -6.76 4.02
N TYR C 27 1.02 -7.87 4.57
CA TYR C 27 2.44 -8.00 4.77
C TYR C 27 3.27 -7.87 3.53
N GLU C 28 2.86 -8.46 2.43
CA GLU C 28 3.55 -8.37 1.22
C GLU C 28 3.47 -6.92 0.65
N LEU C 29 2.39 -6.24 0.93
CA LEU C 29 2.35 -4.85 0.52
C LEU C 29 3.29 -3.95 1.36
N GLU C 30 3.38 -4.22 2.65
CA GLU C 30 4.32 -3.55 3.56
C GLU C 30 5.75 -3.71 3.15
N LYS C 31 6.12 -4.93 2.75
CA LYS C 31 7.40 -5.24 2.21
C LYS C 31 7.75 -4.47 0.96
N THR C 32 6.83 -4.52 0.02
CA THR C 32 6.97 -3.81 -1.20
C THR C 32 7.04 -2.31 -1.00
N ASN C 33 6.21 -1.72 -0.17
CA ASN C 33 6.46 -0.31 0.14
C ASN C 33 7.88 0.04 0.67
N ARG C 34 8.44 -0.82 1.53
CA ARG C 34 9.74 -0.58 2.07
C ARG C 34 10.80 -0.62 0.98
N LEU C 35 10.63 -1.52 0.02
CA LEU C 35 11.47 -1.60 -1.07
C LEU C 35 11.34 -0.36 -1.97
N LEU C 36 10.12 0.11 -2.17
CA LEU C 36 9.94 1.27 -2.98
C LEU C 36 10.70 2.45 -2.35
N VAL C 37 10.61 2.57 -1.05
CA VAL C 37 11.23 3.71 -0.34
C VAL C 37 12.71 3.70 -0.66
N SER C 38 13.35 2.56 -0.51
CA SER C 38 14.70 2.44 -0.82
C SER C 38 15.02 2.84 -2.23
N GLU C 39 14.21 2.39 -3.20
CA GLU C 39 14.49 2.65 -4.60
C GLU C 39 14.40 4.16 -4.83
N VAL C 40 13.36 4.75 -4.36
CA VAL C 40 13.17 6.15 -4.60
C VAL C 40 14.34 6.94 -3.97
N MET C 41 14.83 6.53 -2.81
CA MET C 41 15.91 7.30 -2.14
C MET C 41 17.16 7.18 -2.93
N THR C 42 17.41 6.03 -3.56
CA THR C 42 18.51 5.92 -4.37
C THR C 42 18.46 6.66 -5.69
N LEU C 43 17.25 6.79 -6.21
CA LEU C 43 17.09 7.56 -7.42
C LEU C 43 17.48 9.02 -7.15
N GLN C 44 17.09 9.50 -6.00
CA GLN C 44 17.44 10.84 -5.55
C GLN C 44 18.95 11.03 -5.57
N LYS C 45 19.66 10.11 -4.96
CA LYS C 45 21.05 10.10 -4.96
C LYS C 45 21.75 10.13 -6.36
N MET C 46 21.23 9.33 -7.30
CA MET C 46 21.72 9.30 -8.62
C MET C 46 21.42 10.59 -9.36
N VAL C 47 20.25 11.15 -9.12
CA VAL C 47 19.88 12.40 -9.86
C VAL C 47 20.74 13.55 -9.31
N LYS C 48 20.83 13.66 -8.00
CA LYS C 48 21.78 14.58 -7.37
C LYS C 48 23.14 14.52 -8.01
N ALA C 49 23.75 13.33 -8.05
CA ALA C 49 25.02 13.15 -8.73
C ALA C 49 25.06 13.68 -10.17
N GLN C 50 24.04 13.36 -10.94
CA GLN C 50 23.91 13.85 -12.31
C GLN C 50 23.84 15.40 -12.30
N ASN C 51 23.08 15.98 -11.39
CA ASN C 51 23.04 17.46 -11.30
C ASN C 51 24.45 18.03 -11.05
N GLN C 52 25.22 17.40 -10.18
CA GLN C 52 26.58 17.88 -9.86
C GLN C 52 27.49 17.79 -11.06
N ALA C 53 27.39 16.72 -11.82
CA ALA C 53 28.18 16.57 -12.99
C ALA C 53 27.80 17.61 -13.99
N SER C 54 26.50 17.84 -14.10
CA SER C 54 26.00 18.90 -14.99
C SER C 54 26.62 20.24 -14.59
N ASN C 55 26.49 20.61 -13.33
CA ASN C 55 26.97 21.91 -12.84
C ASN C 55 28.43 22.12 -13.13
N GLU C 56 29.23 21.07 -12.94
CA GLU C 56 30.64 21.16 -13.20
C GLU C 56 30.90 21.49 -14.65
N ILE C 57 30.14 20.90 -15.54
CA ILE C 57 30.23 21.26 -16.94
C ILE C 57 29.92 22.75 -17.09
N ILE C 58 28.78 23.18 -16.57
CA ILE C 58 28.36 24.58 -16.64
C ILE C 58 29.43 25.54 -16.06
N ASN C 59 30.00 25.21 -14.92
CA ASN C 59 30.88 26.15 -14.21
C ASN C 59 32.21 26.44 -14.89
N HIS C 60 32.87 25.38 -15.34
CA HIS C 60 34.31 25.46 -15.68
C HIS C 60 34.43 25.69 -17.17
N LEU C 61 33.87 24.75 -17.91
CA LEU C 61 33.61 24.99 -19.31
C LEU C 61 32.63 26.18 -19.35
N SER D 1 -33.62 -17.82 22.96
CA SER D 1 -32.36 -18.46 22.48
C SER D 1 -32.32 -18.64 20.98
N GLN D 2 -33.22 -19.44 20.38
CA GLN D 2 -33.17 -19.72 18.94
C GLN D 2 -33.22 -18.45 18.08
N GLN D 3 -34.10 -17.52 18.47
CA GLN D 3 -34.24 -16.21 17.80
C GLN D 3 -33.00 -15.33 17.92
N GLN D 4 -32.45 -15.23 19.13
CA GLN D 4 -31.22 -14.48 19.35
C GLN D 4 -30.08 -15.04 18.47
N ILE D 5 -30.02 -16.36 18.34
CA ILE D 5 -28.95 -17.04 17.60
C ILE D 5 -29.16 -16.96 16.08
N ALA D 6 -30.40 -16.95 15.63
CA ALA D 6 -30.69 -16.62 14.22
C ALA D 6 -30.19 -15.22 13.86
N ALA D 7 -30.39 -14.25 14.76
CA ALA D 7 -29.95 -12.88 14.50
C ALA D 7 -28.41 -12.77 14.54
N LEU D 8 -27.77 -13.56 15.40
CA LEU D 8 -26.30 -13.70 15.41
C LEU D 8 -25.79 -14.22 14.06
N SER D 9 -26.50 -15.18 13.47
CA SER D 9 -26.15 -15.74 12.15
C SER D 9 -26.42 -14.74 11.03
N GLU D 10 -27.53 -13.99 11.10
CA GLU D 10 -27.76 -12.85 10.18
C GLU D 10 -26.64 -11.84 10.28
N SER D 11 -26.18 -11.60 11.50
CA SER D 11 -25.16 -10.60 11.76
C SER D 11 -23.74 -11.08 11.30
N LEU D 12 -23.47 -12.37 11.49
CA LEU D 12 -22.24 -12.97 10.98
C LEU D 12 -22.18 -13.04 9.47
N GLN D 13 -23.34 -13.15 8.81
CA GLN D 13 -23.43 -13.10 7.33
C GLN D 13 -23.07 -11.74 6.78
N ALA D 14 -23.57 -10.71 7.42
CA ALA D 14 -23.25 -9.35 7.05
C ALA D 14 -21.74 -9.08 7.27
N THR D 15 -21.15 -9.58 8.37
CA THR D 15 -19.70 -9.51 8.60
C THR D 15 -18.88 -10.21 7.49
N GLN D 16 -19.25 -11.43 7.17
CA GLN D 16 -18.66 -12.11 6.05
C GLN D 16 -18.79 -11.30 4.76
N GLN D 17 -19.91 -10.61 4.57
CA GLN D 17 -20.11 -9.75 3.40
C GLN D 17 -19.23 -8.48 3.42
N GLN D 18 -19.05 -7.90 4.59
CA GLN D 18 -18.13 -6.81 4.83
C GLN D 18 -16.70 -7.26 4.51
N LEU D 19 -16.35 -8.49 4.93
CA LEU D 19 -15.01 -8.97 4.65
C LEU D 19 -14.77 -9.22 3.13
N GLN D 20 -15.81 -9.63 2.41
CA GLN D 20 -15.80 -9.79 0.97
C GLN D 20 -15.58 -8.48 0.30
N ALA D 21 -16.22 -7.43 0.82
CA ALA D 21 -16.04 -6.09 0.31
C ALA D 21 -14.58 -5.62 0.52
N LEU D 22 -14.01 -5.95 1.67
CA LEU D 22 -12.64 -5.61 1.97
C LEU D 22 -11.61 -6.38 1.14
N GLN D 23 -11.84 -7.66 0.97
CA GLN D 23 -10.96 -8.40 0.08
C GLN D 23 -10.96 -7.76 -1.28
N GLN D 24 -12.14 -7.35 -1.77
CA GLN D 24 -12.24 -6.74 -3.11
C GLN D 24 -11.36 -5.49 -3.17
N GLN D 25 -11.48 -4.64 -2.16
CA GLN D 25 -10.66 -3.46 -2.06
C GLN D 25 -9.20 -3.82 -2.05
N CYS D 26 -8.83 -4.85 -1.30
CA CYS D 26 -7.46 -5.19 -1.15
C CYS D 26 -6.85 -5.68 -2.48
N TYR D 27 -7.65 -6.36 -3.29
CA TYR D 27 -7.19 -6.72 -4.64
C TYR D 27 -6.89 -5.53 -5.42
N GLU D 28 -7.72 -4.52 -5.34
CA GLU D 28 -7.49 -3.34 -6.11
C GLU D 28 -6.28 -2.61 -5.62
N LEU D 29 -6.05 -2.62 -4.30
CA LEU D 29 -4.86 -2.00 -3.70
C LEU D 29 -3.60 -2.67 -4.18
N GLU D 30 -3.65 -4.00 -4.21
CA GLU D 30 -2.53 -4.76 -4.70
C GLU D 30 -2.24 -4.50 -6.12
N LYS D 31 -3.26 -4.46 -7.01
CA LYS D 31 -3.11 -4.15 -8.39
C LYS D 31 -2.32 -2.90 -8.61
N THR D 32 -2.77 -1.81 -7.97
CA THR D 32 -2.06 -0.60 -8.12
C THR D 32 -0.70 -0.61 -7.55
N ASN D 33 -0.46 -1.20 -6.40
CA ASN D 33 0.88 -1.31 -5.88
C ASN D 33 1.83 -2.15 -6.78
N ARG D 34 1.29 -3.17 -7.40
CA ARG D 34 2.08 -3.95 -8.34
C ARG D 34 2.49 -3.12 -9.55
N LEU D 35 1.56 -2.32 -10.04
CA LEU D 35 1.83 -1.50 -11.11
C LEU D 35 2.90 -0.50 -10.76
N LEU D 36 2.79 0.08 -9.59
CA LEU D 36 3.74 1.06 -9.13
C LEU D 36 5.13 0.52 -9.06
N VAL D 37 5.21 -0.69 -8.54
CA VAL D 37 6.53 -1.37 -8.54
C VAL D 37 7.10 -1.39 -9.91
N SER D 38 6.34 -1.90 -10.89
CA SER D 38 6.76 -1.98 -12.27
C SER D 38 7.11 -0.64 -12.90
N GLU D 39 6.38 0.43 -12.58
CA GLU D 39 6.79 1.72 -13.00
C GLU D 39 8.01 2.30 -12.35
N VAL D 40 8.16 2.09 -11.05
CA VAL D 40 9.36 2.55 -10.40
C VAL D 40 10.61 1.81 -10.95
N MET D 41 10.47 0.52 -11.21
CA MET D 41 11.60 -0.20 -11.78
C MET D 41 11.92 0.27 -13.18
N THR D 42 10.93 0.65 -13.99
CA THR D 42 11.16 1.22 -15.24
C THR D 42 11.90 2.53 -15.08
N LEU D 43 11.47 3.32 -14.10
CA LEU D 43 12.15 4.61 -13.92
C LEU D 43 13.62 4.42 -13.57
N GLN D 44 13.86 3.46 -12.70
CA GLN D 44 15.19 3.13 -12.26
C GLN D 44 16.08 2.89 -13.48
N LYS D 45 15.61 2.08 -14.41
CA LYS D 45 16.33 1.80 -15.63
C LYS D 45 16.65 3.06 -16.40
N MET D 46 15.68 3.97 -16.51
CA MET D 46 15.85 5.15 -17.26
C MET D 46 16.81 6.13 -16.61
N VAL D 47 16.75 6.22 -15.29
CA VAL D 47 17.68 7.04 -14.56
C VAL D 47 19.12 6.51 -14.62
N LYS D 48 19.28 5.22 -14.43
CA LYS D 48 20.56 4.53 -14.74
C LYS D 48 21.12 4.84 -16.11
N ALA D 49 20.30 4.70 -17.13
CA ALA D 49 20.73 5.08 -18.43
C ALA D 49 21.21 6.55 -18.47
N GLN D 50 20.50 7.41 -17.76
CA GLN D 50 20.88 8.83 -17.71
C GLN D 50 22.22 9.03 -17.02
N ASN D 51 22.49 8.23 -16.00
CA ASN D 51 23.84 8.26 -15.39
C ASN D 51 24.91 8.05 -16.43
N GLN D 52 24.72 7.03 -17.27
CA GLN D 52 25.73 6.70 -18.27
C GLN D 52 25.83 7.82 -19.31
N ALA D 53 24.71 8.38 -19.73
CA ALA D 53 24.73 9.47 -20.68
C ALA D 53 25.47 10.67 -20.10
N SER D 54 25.22 10.94 -18.82
CA SER D 54 25.89 12.04 -18.12
C SER D 54 27.38 11.82 -18.11
N ASN D 55 27.82 10.64 -17.67
CA ASN D 55 29.26 10.32 -17.62
C ASN D 55 29.93 10.47 -18.95
N GLU D 56 29.28 10.00 -20.01
CA GLU D 56 29.84 10.14 -21.33
C GLU D 56 30.07 11.60 -21.66
N ILE D 57 29.12 12.46 -21.29
CA ILE D 57 29.27 13.89 -21.52
C ILE D 57 30.54 14.35 -20.82
N ILE D 58 30.62 14.05 -19.53
CA ILE D 58 31.80 14.41 -18.73
C ILE D 58 33.10 13.96 -19.41
N ASN D 59 33.11 12.72 -19.89
CA ASN D 59 34.35 12.16 -20.41
C ASN D 59 34.71 12.70 -21.81
N HIS D 60 33.76 13.37 -22.49
CA HIS D 60 34.03 14.01 -23.80
C HIS D 60 33.99 15.52 -23.72
N LEU D 61 34.15 16.05 -22.51
CA LEU D 61 34.22 17.49 -22.34
C LEU D 61 35.48 17.97 -23.05
#